data_2XVT
#
_entry.id   2XVT
#
_cell.length_a   59.759
_cell.length_b   90.984
_cell.length_c   92.056
_cell.angle_alpha   90.00
_cell.angle_beta   90.00
_cell.angle_gamma   90.00
#
_symmetry.space_group_name_H-M   'P 21 21 21'
#
loop_
_entity.id
_entity.type
_entity.pdbx_description
1 polymer 'RECEPTOR ACTIVITY-MODIFYING PROTEIN 2'
2 non-polymer 'CALCIUM ION'
3 water water
#
_entity_poly.entity_id   1
_entity_poly.type   'polypeptide(L)'
_entity_poly.pdbx_seq_one_letter_code
;SMTGTPGSEGGTVKNYETAVQFCWNHYKDQMDPIEKDWCDWAMISRPYSTLRDCLEHFAELFDLGFPNPLAERIIFETHQ
IHFANCSLVQPTFS
;
_entity_poly.pdbx_strand_id   A,B,C,D,E,F
#
loop_
_chem_comp.id
_chem_comp.type
_chem_comp.name
_chem_comp.formula
CA non-polymer 'CALCIUM ION' 'Ca 2'
#
# COMPACT_ATOMS: atom_id res chain seq x y z
N VAL A 13 12.45 29.21 22.90
CA VAL A 13 12.45 28.33 21.65
C VAL A 13 13.26 29.09 20.58
N LYS A 14 14.54 28.76 20.50
CA LYS A 14 15.49 29.46 19.60
C LYS A 14 15.99 28.50 18.54
N ASN A 15 15.60 27.22 18.68
CA ASN A 15 15.97 26.18 17.75
C ASN A 15 15.04 24.95 17.91
N TYR A 16 15.27 23.91 17.11
CA TYR A 16 14.41 22.73 17.18
C TYR A 16 14.54 21.95 18.49
N GLU A 17 15.74 21.80 19.00
CA GLU A 17 15.92 21.12 20.29
C GLU A 17 15.07 21.72 21.41
N THR A 18 15.14 23.04 21.56
CA THR A 18 14.37 23.70 22.63
C THR A 18 12.87 23.74 22.28
N ALA A 19 12.53 23.72 21.00
CA ALA A 19 11.13 23.64 20.56
C ALA A 19 10.55 22.28 20.91
N VAL A 20 11.36 21.23 20.76
CA VAL A 20 10.93 19.89 21.18
C VAL A 20 10.80 19.81 22.72
N GLN A 21 11.66 20.50 23.45
CA GLN A 21 11.50 20.56 24.90
C GLN A 21 10.18 21.25 25.29
N PHE A 22 9.84 22.33 24.60
CA PHE A 22 8.56 23.01 24.74
C PHE A 22 7.37 22.07 24.51
N CYS A 23 7.37 21.36 23.39
CA CYS A 23 6.31 20.41 23.03
C CYS A 23 6.13 19.36 24.11
N TRP A 24 7.26 18.81 24.52
CA TRP A 24 7.29 17.74 25.47
C TRP A 24 6.74 18.19 26.85
N ASN A 25 7.06 19.43 27.24
CA ASN A 25 6.63 19.90 28.54
C ASN A 25 5.14 20.15 28.55
N HIS A 26 4.60 20.71 27.48
CA HIS A 26 3.15 20.93 27.38
C HIS A 26 2.43 19.57 27.42
N TYR A 27 3.09 18.54 26.89
CA TYR A 27 2.53 17.18 26.91
C TYR A 27 2.55 16.55 28.30
N LYS A 28 3.71 16.59 28.94
CA LYS A 28 3.81 16.17 30.34
C LYS A 28 2.81 16.92 31.24
N ASP A 29 2.70 18.23 31.12
CA ASP A 29 1.70 18.94 31.92
C ASP A 29 0.31 18.40 31.71
N GLN A 30 -0.04 18.11 30.47
CA GLN A 30 -1.31 17.43 30.16
C GLN A 30 -1.35 15.99 30.74
N MET A 31 -0.22 15.28 30.69
CA MET A 31 -0.17 13.86 31.01
C MET A 31 -0.05 13.53 32.52
N ASP A 32 0.66 14.34 33.27
CA ASP A 32 1.01 14.00 34.65
C ASP A 32 -0.18 13.85 35.58
N PRO A 33 -1.22 14.70 35.46
CA PRO A 33 -2.42 14.54 36.33
C PRO A 33 -3.32 13.37 36.01
N ILE A 34 -3.28 12.90 34.77
CA ILE A 34 -4.30 11.93 34.27
C ILE A 34 -3.73 10.48 34.16
N GLU A 35 -2.92 10.13 35.15
CA GLU A 35 -2.16 8.89 35.16
C GLU A 35 -3.02 7.64 35.18
N LYS A 36 -4.06 7.67 36.01
CA LYS A 36 -5.05 6.61 36.04
C LYS A 36 -5.59 6.28 34.66
N ASP A 37 -5.51 7.22 33.73
CA ASP A 37 -6.08 7.05 32.41
C ASP A 37 -5.05 6.94 31.29
N TRP A 38 -3.78 6.74 31.61
CA TRP A 38 -2.79 6.55 30.57
C TRP A 38 -3.08 5.33 29.64
N CYS A 39 -3.79 4.34 30.15
CA CYS A 39 -4.17 3.16 29.34
C CYS A 39 -5.59 3.19 28.72
N ASP A 40 -6.33 4.30 28.91
CA ASP A 40 -7.58 4.55 28.18
C ASP A 40 -7.17 5.10 26.81
N TRP A 41 -7.00 4.16 25.87
CA TRP A 41 -6.41 4.41 24.55
C TRP A 41 -7.08 5.52 23.72
N ALA A 42 -8.41 5.49 23.67
CA ALA A 42 -9.22 6.51 22.99
C ALA A 42 -8.89 7.89 23.54
N MET A 43 -9.14 8.10 24.83
CA MET A 43 -8.86 9.34 25.52
C MET A 43 -7.43 9.87 25.33
N ILE A 44 -6.46 9.00 25.62
CA ILE A 44 -5.07 9.41 25.69
C ILE A 44 -4.51 9.75 24.30
N SER A 45 -5.21 9.32 23.25
CA SER A 45 -4.76 9.68 21.89
C SER A 45 -4.81 11.19 21.61
N ARG A 46 -5.70 11.91 22.30
CA ARG A 46 -5.82 13.36 22.12
C ARG A 46 -4.51 14.09 22.48
N PRO A 47 -4.05 14.01 23.74
CA PRO A 47 -2.80 14.70 24.05
C PRO A 47 -1.62 14.21 23.24
N TYR A 48 -1.61 12.93 22.92
CA TYR A 48 -0.58 12.40 22.09
C TYR A 48 -0.60 13.01 20.68
N SER A 49 -1.78 13.14 20.09
CA SER A 49 -1.86 13.72 18.76
C SER A 49 -1.39 15.19 18.77
N THR A 50 -1.75 15.94 19.82
CA THR A 50 -1.19 17.30 20.02
C THR A 50 0.34 17.33 20.08
N LEU A 51 0.97 16.39 20.78
CA LEU A 51 2.45 16.29 20.82
C LEU A 51 3.04 16.12 19.44
N ARG A 52 2.45 15.21 18.67
CA ARG A 52 2.94 14.93 17.31
C ARG A 52 2.83 16.12 16.38
N ASP A 53 1.73 16.84 16.46
CA ASP A 53 1.49 18.05 15.67
C ASP A 53 2.49 19.13 16.02
N CYS A 54 2.79 19.24 17.29
CA CYS A 54 3.82 20.14 17.79
C CYS A 54 5.23 19.86 17.22
N LEU A 55 5.68 18.62 17.38
CA LEU A 55 6.95 18.12 16.87
C LEU A 55 7.06 18.32 15.38
N GLU A 56 5.97 18.09 14.67
CA GLU A 56 5.96 18.29 13.22
C GLU A 56 5.90 19.78 12.79
N HIS A 57 5.05 20.59 13.43
CA HIS A 57 4.98 22.02 13.13
C HIS A 57 6.35 22.67 13.29
N PHE A 58 7.02 22.38 14.41
CA PHE A 58 8.35 22.92 14.70
C PHE A 58 9.49 22.37 13.81
N ALA A 59 9.37 21.11 13.37
CA ALA A 59 10.20 20.59 12.26
C ALA A 59 10.12 21.47 11.02
N GLU A 60 8.91 21.76 10.55
CA GLU A 60 8.75 22.59 9.34
C GLU A 60 9.26 24.03 9.59
N LEU A 61 8.99 24.57 10.80
CA LEU A 61 9.43 25.95 11.17
C LEU A 61 10.94 26.09 11.15
N PHE A 62 11.64 25.02 11.51
CA PHE A 62 13.10 24.95 11.47
C PHE A 62 13.68 24.19 10.27
N ASP A 63 12.86 23.94 9.25
CA ASP A 63 13.32 23.31 7.98
C ASP A 63 13.95 21.92 8.12
N LEU A 64 13.49 21.13 9.06
CA LEU A 64 13.93 19.76 9.20
C LEU A 64 12.81 18.87 8.72
N GLY A 65 13.16 17.67 8.26
CA GLY A 65 12.17 16.69 7.84
C GLY A 65 11.46 16.12 9.04
N PHE A 66 10.39 15.36 8.78
CA PHE A 66 9.65 14.75 9.84
C PHE A 66 9.09 13.46 9.25
N PRO A 67 9.26 12.34 9.94
CA PRO A 67 9.92 12.21 11.21
C PRO A 67 11.41 12.51 11.12
N ASN A 68 12.00 12.76 12.29
CA ASN A 68 13.43 12.99 12.41
C ASN A 68 13.86 12.32 13.71
N PRO A 69 15.19 12.06 13.86
CA PRO A 69 15.69 11.31 15.01
C PRO A 69 15.27 11.82 16.41
N LEU A 70 15.40 13.11 16.65
CA LEU A 70 14.93 13.71 17.92
C LEU A 70 13.44 13.51 18.22
N ALA A 71 12.55 13.81 17.29
CA ALA A 71 11.12 13.57 17.47
C ALA A 71 10.81 12.10 17.74
N GLU A 72 11.55 11.23 17.06
CA GLU A 72 11.40 9.82 17.32
C GLU A 72 11.87 9.43 18.72
N ARG A 73 12.95 10.05 19.24
CA ARG A 73 13.33 9.82 20.64
C ARG A 73 12.15 10.17 21.59
N ILE A 74 11.48 11.27 21.31
CA ILE A 74 10.35 11.71 22.14
C ILE A 74 9.21 10.72 22.03
N ILE A 75 8.95 10.24 20.82
CA ILE A 75 7.95 9.20 20.67
C ILE A 75 8.34 7.92 21.45
N PHE A 76 9.57 7.46 21.35
CA PHE A 76 9.95 6.30 22.14
C PHE A 76 9.84 6.59 23.64
N GLU A 77 10.11 7.83 24.03
CA GLU A 77 10.08 8.22 25.42
C GLU A 77 8.66 8.08 26.02
N THR A 78 7.63 8.56 25.31
CA THR A 78 6.29 8.48 25.87
C THR A 78 5.81 7.07 25.92
N HIS A 79 6.18 6.28 24.92
CA HIS A 79 5.90 4.85 24.99
C HIS A 79 6.53 4.21 26.23
N GLN A 80 7.74 4.62 26.57
CA GLN A 80 8.44 3.99 27.69
C GLN A 80 7.85 4.37 29.04
N ILE A 81 7.52 5.65 29.22
CA ILE A 81 7.01 6.13 30.51
C ILE A 81 5.48 6.09 30.65
N HIS A 82 4.73 6.23 29.56
CA HIS A 82 3.27 6.30 29.64
C HIS A 82 2.52 5.03 29.28
N PHE A 83 2.93 4.37 28.20
CA PHE A 83 2.12 3.30 27.60
C PHE A 83 2.68 1.90 27.68
N ALA A 84 3.92 1.76 28.13
CA ALA A 84 4.60 0.44 28.04
C ALA A 84 3.87 -0.64 28.86
N ASN A 85 3.35 -0.28 30.02
CA ASN A 85 2.65 -1.25 30.89
C ASN A 85 1.14 -1.38 30.76
N CYS A 86 0.56 -0.69 29.79
CA CYS A 86 -0.85 -0.84 29.47
C CYS A 86 -1.16 -2.18 28.79
N SER A 87 -2.26 -2.82 29.18
CA SER A 87 -2.81 -3.93 28.41
C SER A 87 -3.49 -3.37 27.16
N LEU A 88 -3.55 -4.20 26.12
CA LEU A 88 -3.99 -3.74 24.79
C LEU A 88 -5.52 -3.80 24.62
N VAL A 89 -6.17 -4.66 25.41
CA VAL A 89 -7.61 -4.58 25.78
C VAL A 89 -7.70 -3.95 27.20
N GLN A 90 -8.15 -2.68 27.31
CA GLN A 90 -8.10 -1.88 28.57
C GLN A 90 -8.96 -2.42 29.71
N VAL B 13 -18.21 -3.85 15.83
CA VAL B 13 -17.08 -2.87 16.00
C VAL B 13 -17.62 -1.54 16.60
N LYS B 14 -17.63 -1.44 17.94
CA LYS B 14 -18.29 -0.32 18.64
C LYS B 14 -17.35 0.80 19.15
N ASN B 15 -16.04 0.51 19.32
CA ASN B 15 -15.02 1.51 19.71
C ASN B 15 -13.65 1.19 19.07
N TYR B 16 -12.62 2.02 19.31
CA TYR B 16 -11.30 1.81 18.62
C TYR B 16 -10.57 0.58 19.12
N GLU B 17 -10.75 0.26 20.41
CA GLU B 17 -10.08 -0.89 21.01
C GLU B 17 -10.60 -2.18 20.39
N THR B 18 -11.92 -2.33 20.23
CA THR B 18 -12.43 -3.51 19.58
C THR B 18 -12.09 -3.49 18.05
N ALA B 19 -12.11 -2.32 17.41
CA ALA B 19 -11.59 -2.20 16.05
C ALA B 19 -10.17 -2.76 15.95
N VAL B 20 -9.32 -2.35 16.89
CA VAL B 20 -7.90 -2.78 16.87
C VAL B 20 -7.77 -4.30 17.01
N GLN B 21 -8.59 -4.94 17.84
CA GLN B 21 -8.64 -6.40 17.88
C GLN B 21 -9.11 -7.05 16.57
N PHE B 22 -10.03 -6.40 15.89
CA PHE B 22 -10.52 -6.85 14.62
C PHE B 22 -9.42 -6.80 13.58
N CYS B 23 -8.64 -5.73 13.53
CA CYS B 23 -7.47 -5.68 12.64
C CYS B 23 -6.45 -6.77 12.97
N TRP B 24 -6.12 -6.86 14.27
CA TRP B 24 -5.09 -7.76 14.73
C TRP B 24 -5.46 -9.23 14.48
N ASN B 25 -6.70 -9.64 14.76
CA ASN B 25 -7.12 -10.99 14.46
C ASN B 25 -6.97 -11.32 12.95
N HIS B 26 -7.35 -10.40 12.07
CA HIS B 26 -7.26 -10.61 10.64
C HIS B 26 -5.80 -10.84 10.29
N TYR B 27 -4.93 -10.08 10.93
CA TYR B 27 -3.48 -10.15 10.71
C TYR B 27 -2.85 -11.47 11.17
N LYS B 28 -3.15 -11.85 12.41
CA LYS B 28 -2.70 -13.15 12.94
C LYS B 28 -3.20 -14.33 12.09
N ASP B 29 -4.44 -14.24 11.57
CA ASP B 29 -4.97 -15.30 10.73
C ASP B 29 -4.18 -15.42 9.45
N GLN B 30 -3.62 -14.32 8.98
CA GLN B 30 -2.73 -14.36 7.84
C GLN B 30 -1.31 -14.82 8.26
N MET B 31 -0.86 -14.42 9.44
CA MET B 31 0.52 -14.65 9.85
C MET B 31 0.75 -16.01 10.49
N ASP B 32 -0.19 -16.51 11.29
CA ASP B 32 -0.01 -17.76 12.00
C ASP B 32 0.39 -18.96 11.10
N PRO B 33 -0.28 -19.17 9.94
CA PRO B 33 0.04 -20.36 9.18
C PRO B 33 1.39 -20.31 8.45
N ILE B 34 2.07 -19.16 8.42
CA ILE B 34 3.15 -18.93 7.45
C ILE B 34 4.46 -18.59 8.12
N GLU B 35 4.68 -19.21 9.26
CA GLU B 35 5.85 -18.89 10.05
C GLU B 35 7.16 -18.99 9.24
N LYS B 36 7.26 -19.98 8.37
CA LYS B 36 8.46 -20.20 7.56
C LYS B 36 8.80 -19.03 6.61
N ASP B 37 7.85 -18.11 6.39
CA ASP B 37 8.13 -16.95 5.55
C ASP B 37 8.05 -15.64 6.27
N TRP B 38 8.08 -15.62 7.59
CA TRP B 38 7.95 -14.33 8.30
C TRP B 38 9.08 -13.34 7.98
N CYS B 39 10.24 -13.84 7.55
CA CYS B 39 11.39 -13.01 7.16
C CYS B 39 11.53 -12.79 5.66
N ASP B 40 10.52 -13.19 4.90
CA ASP B 40 10.48 -12.92 3.46
C ASP B 40 9.90 -11.53 3.31
N TRP B 41 10.80 -10.54 3.30
CA TRP B 41 10.44 -9.17 3.51
C TRP B 41 9.39 -8.66 2.54
N ALA B 42 9.58 -8.94 1.26
CA ALA B 42 8.64 -8.51 0.21
C ALA B 42 7.28 -9.16 0.42
N MET B 43 7.26 -10.47 0.65
CA MET B 43 6.00 -11.22 0.81
C MET B 43 5.20 -10.75 2.06
N ILE B 44 5.90 -10.62 3.18
CA ILE B 44 5.30 -10.32 4.47
C ILE B 44 4.84 -8.85 4.58
N SER B 45 5.30 -8.01 3.68
CA SER B 45 4.84 -6.64 3.61
C SER B 45 3.39 -6.47 3.28
N ARG B 46 2.79 -7.45 2.62
CA ARG B 46 1.36 -7.33 2.25
C ARG B 46 0.45 -7.36 3.46
N PRO B 47 0.56 -8.42 4.29
CA PRO B 47 -0.32 -8.42 5.44
C PRO B 47 0.02 -7.34 6.46
N TYR B 48 1.30 -6.98 6.55
CA TYR B 48 1.69 -5.86 7.39
C TYR B 48 1.05 -4.56 6.87
N SER B 49 1.12 -4.35 5.56
CA SER B 49 0.56 -3.17 4.97
C SER B 49 -0.93 -3.10 5.25
N THR B 50 -1.60 -4.26 5.24
CA THR B 50 -3.05 -4.27 5.44
C THR B 50 -3.40 -4.05 6.92
N LEU B 51 -2.59 -4.57 7.86
CA LEU B 51 -2.69 -4.22 9.29
C LEU B 51 -2.62 -2.70 9.55
N ARG B 52 -1.60 -2.06 9.02
CA ARG B 52 -1.53 -0.60 9.07
C ARG B 52 -2.66 0.16 8.43
N ASP B 53 -3.01 -0.21 7.21
CA ASP B 53 -4.21 0.30 6.58
C ASP B 53 -5.45 0.22 7.50
N CYS B 54 -5.63 -0.91 8.15
CA CYS B 54 -6.80 -1.21 9.02
C CYS B 54 -6.76 -0.31 10.28
N LEU B 55 -5.59 -0.24 10.88
CA LEU B 55 -5.38 0.59 12.07
C LEU B 55 -5.72 2.07 11.80
N GLU B 56 -5.28 2.55 10.65
CA GLU B 56 -5.49 3.94 10.25
C GLU B 56 -6.93 4.18 9.80
N HIS B 57 -7.48 3.27 8.98
CA HIS B 57 -8.92 3.31 8.63
C HIS B 57 -9.78 3.53 9.86
N PHE B 58 -9.59 2.66 10.86
CA PHE B 58 -10.41 2.76 12.07
C PHE B 58 -10.08 3.95 12.96
N ALA B 59 -8.85 4.44 12.88
CA ALA B 59 -8.49 5.66 13.58
C ALA B 59 -9.33 6.82 12.98
N GLU B 60 -9.27 6.99 11.66
CA GLU B 60 -10.03 8.05 11.03
C GLU B 60 -11.51 7.89 11.33
N LEU B 61 -12.00 6.64 11.34
CA LEU B 61 -13.41 6.35 11.59
C LEU B 61 -13.90 6.76 12.96
N PHE B 62 -13.09 6.52 14.00
CA PHE B 62 -13.43 6.92 15.38
C PHE B 62 -12.79 8.26 15.75
N ASP B 63 -12.34 9.00 14.73
CA ASP B 63 -11.85 10.39 14.86
C ASP B 63 -10.65 10.56 15.82
N LEU B 64 -9.76 9.57 15.83
CA LEU B 64 -8.57 9.61 16.63
C LEU B 64 -7.50 9.87 15.62
N GLY B 65 -6.37 10.38 16.02
CA GLY B 65 -5.31 10.64 15.07
C GLY B 65 -4.58 9.35 14.71
N PHE B 66 -3.69 9.47 13.72
CA PHE B 66 -2.79 8.39 13.33
C PHE B 66 -1.42 8.93 12.99
N PRO B 67 -0.38 8.31 13.49
CA PRO B 67 -0.38 7.21 14.46
C PRO B 67 -0.96 7.65 15.82
N ASN B 68 -1.38 6.68 16.62
CA ASN B 68 -1.90 6.92 17.97
C ASN B 68 -1.25 5.86 18.84
N PRO B 69 -1.32 5.99 20.17
CA PRO B 69 -0.50 5.05 20.96
C PRO B 69 -0.86 3.55 20.88
N LEU B 70 -2.14 3.22 20.89
CA LEU B 70 -2.55 1.82 20.68
C LEU B 70 -2.01 1.30 19.33
N ALA B 71 -2.17 2.06 18.26
CA ALA B 71 -1.73 1.60 16.93
C ALA B 71 -0.23 1.30 16.95
N GLU B 72 0.51 2.16 17.64
CA GLU B 72 1.94 2.01 17.76
C GLU B 72 2.33 0.83 18.64
N ARG B 73 1.55 0.54 19.66
CA ARG B 73 1.82 -0.63 20.44
C ARG B 73 1.62 -1.87 19.61
N ILE B 74 0.60 -1.91 18.75
CA ILE B 74 0.35 -3.07 17.90
C ILE B 74 1.48 -3.30 16.89
N ILE B 75 1.98 -2.22 16.31
CA ILE B 75 3.11 -2.29 15.43
C ILE B 75 4.33 -2.83 16.22
N PHE B 76 4.58 -2.32 17.42
CA PHE B 76 5.69 -2.83 18.25
C PHE B 76 5.53 -4.32 18.50
N GLU B 77 4.31 -4.76 18.77
CA GLU B 77 4.06 -6.16 19.08
C GLU B 77 4.47 -7.12 17.90
N THR B 78 4.03 -6.78 16.71
CA THR B 78 4.36 -7.59 15.55
C THR B 78 5.87 -7.56 15.25
N HIS B 79 6.54 -6.42 15.42
CA HIS B 79 7.99 -6.43 15.39
C HIS B 79 8.63 -7.40 16.39
N GLN B 80 8.14 -7.42 17.63
CA GLN B 80 8.68 -8.33 18.64
C GLN B 80 8.40 -9.81 18.33
N ILE B 81 7.17 -10.15 17.97
CA ILE B 81 6.86 -11.55 17.77
C ILE B 81 7.22 -12.09 16.37
N HIS B 82 7.17 -11.27 15.33
CA HIS B 82 7.40 -11.73 13.95
C HIS B 82 8.75 -11.39 13.34
N PHE B 83 9.26 -10.19 13.59
CA PHE B 83 10.34 -9.62 12.77
C PHE B 83 11.69 -9.37 13.45
N ALA B 84 11.72 -9.33 14.78
CA ALA B 84 12.88 -8.83 15.51
C ALA B 84 14.12 -9.71 15.38
N ASN B 85 13.95 -10.97 15.02
CA ASN B 85 15.06 -11.91 14.88
C ASN B 85 15.28 -12.43 13.47
N CYS B 86 14.74 -11.72 12.50
CA CYS B 86 14.93 -12.02 11.10
C CYS B 86 16.25 -11.47 10.64
N SER B 87 16.87 -12.23 9.75
CA SER B 87 18.01 -11.73 9.05
C SER B 87 17.54 -10.66 8.04
N LEU B 88 18.31 -9.57 7.94
CA LEU B 88 18.09 -8.46 6.99
C LEU B 88 18.40 -8.75 5.47
N VAL B 89 19.11 -9.84 5.15
CA VAL B 89 19.11 -10.43 3.77
C VAL B 89 18.98 -11.95 3.68
N GLN B 90 18.13 -12.47 2.79
CA GLN B 90 18.18 -13.90 2.42
C GLN B 90 19.55 -14.17 1.82
N VAL C 13 20.59 -3.62 -7.72
CA VAL C 13 19.27 -3.77 -7.03
C VAL C 13 18.35 -4.76 -7.76
N LYS C 14 18.53 -6.05 -7.43
CA LYS C 14 17.64 -7.09 -7.92
C LYS C 14 16.28 -7.01 -7.22
N ASN C 15 16.26 -6.61 -5.96
CA ASN C 15 15.09 -6.78 -5.07
C ASN C 15 15.14 -5.75 -3.98
N TYR C 16 14.13 -5.72 -3.12
CA TYR C 16 14.08 -4.71 -2.06
C TYR C 16 15.17 -4.84 -1.02
N GLU C 17 15.45 -6.07 -0.61
CA GLU C 17 16.45 -6.31 0.44
C GLU C 17 17.84 -5.79 0.03
N THR C 18 18.19 -5.95 -1.24
CA THR C 18 19.47 -5.46 -1.71
C THR C 18 19.41 -3.92 -1.90
N ALA C 19 18.25 -3.37 -2.26
CA ALA C 19 18.06 -1.90 -2.30
C ALA C 19 18.27 -1.28 -0.93
N VAL C 20 17.67 -1.87 0.08
CA VAL C 20 17.83 -1.42 1.45
C VAL C 20 19.30 -1.47 1.91
N GLN C 21 20.06 -2.47 1.50
CA GLN C 21 21.49 -2.53 1.87
C GLN C 21 22.24 -1.36 1.27
N PHE C 22 21.94 -1.05 0.01
CA PHE C 22 22.51 0.10 -0.65
C PHE C 22 22.16 1.36 0.15
N CYS C 23 20.90 1.52 0.54
CA CYS C 23 20.46 2.70 1.30
C CYS C 23 21.27 2.81 2.59
N TRP C 24 21.34 1.70 3.31
CA TRP C 24 21.98 1.65 4.60
C TRP C 24 23.51 1.93 4.50
N ASN C 25 24.15 1.34 3.51
CA ASN C 25 25.60 1.48 3.31
C ASN C 25 25.90 2.95 2.97
N HIS C 26 25.00 3.58 2.21
CA HIS C 26 25.17 4.98 1.85
C HIS C 26 25.04 5.85 3.13
N TYR C 27 24.12 5.46 3.99
CA TYR C 27 23.92 6.12 5.28
C TYR C 27 25.13 5.95 6.20
N LYS C 28 25.61 4.72 6.37
CA LYS C 28 26.82 4.45 7.19
C LYS C 28 28.07 5.18 6.74
N ASP C 29 28.23 5.34 5.43
CA ASP C 29 29.38 6.10 4.92
C ASP C 29 29.34 7.57 5.31
N GLN C 30 28.14 8.11 5.43
CA GLN C 30 27.93 9.45 5.98
C GLN C 30 28.11 9.49 7.53
N MET C 31 27.55 8.48 8.23
CA MET C 31 27.51 8.47 9.68
C MET C 31 28.84 8.02 10.33
N ASP C 32 29.44 6.92 9.85
CA ASP C 32 30.67 6.37 10.47
C ASP C 32 31.72 7.43 10.85
N PRO C 33 32.00 8.36 9.95
CA PRO C 33 33.07 9.33 10.23
C PRO C 33 32.69 10.45 11.21
N ILE C 34 31.40 10.69 11.40
CA ILE C 34 30.97 11.89 12.14
C ILE C 34 30.29 11.57 13.49
N GLU C 35 30.84 10.58 14.18
CA GLU C 35 30.40 10.21 15.52
C GLU C 35 30.18 11.40 16.47
N LYS C 36 31.05 12.40 16.33
CA LYS C 36 31.04 13.61 17.14
C LYS C 36 29.77 14.40 16.99
N ASP C 37 29.07 14.19 15.90
CA ASP C 37 27.90 14.98 15.61
C ASP C 37 26.63 14.19 15.65
N TRP C 38 26.70 12.92 16.04
CA TRP C 38 25.51 12.08 16.05
C TRP C 38 24.39 12.62 16.94
N CYS C 39 24.76 13.38 17.98
CA CYS C 39 23.77 13.99 18.87
C CYS C 39 23.40 15.44 18.51
N ASP C 40 23.87 15.91 17.35
CA ASP C 40 23.52 17.21 16.85
C ASP C 40 22.26 17.06 16.03
N TRP C 41 21.12 17.11 16.70
CA TRP C 41 19.83 16.72 16.10
C TRP C 41 19.47 17.34 14.74
N ALA C 42 19.64 18.65 14.60
CA ALA C 42 19.30 19.34 13.36
C ALA C 42 20.24 18.91 12.23
N MET C 43 21.54 18.81 12.53
CA MET C 43 22.52 18.35 11.54
C MET C 43 22.28 16.93 11.09
N ILE C 44 22.06 16.04 12.03
CA ILE C 44 22.00 14.62 11.74
C ILE C 44 20.68 14.19 11.08
N SER C 45 19.69 15.07 11.16
CA SER C 45 18.43 14.84 10.51
C SER C 45 18.58 14.80 8.96
N ARG C 46 19.63 15.42 8.42
CA ARG C 46 19.90 15.34 6.99
C ARG C 46 20.24 13.94 6.45
N PRO C 47 21.31 13.30 6.90
CA PRO C 47 21.54 11.95 6.42
C PRO C 47 20.38 10.98 6.76
N TYR C 48 19.71 11.23 7.87
CA TYR C 48 18.58 10.40 8.25
C TYR C 48 17.35 10.58 7.31
N SER C 49 17.03 11.80 6.90
CA SER C 49 15.98 12.01 5.91
C SER C 49 16.35 11.37 4.58
N THR C 50 17.65 11.41 4.21
CA THR C 50 18.11 10.83 2.94
C THR C 50 17.93 9.33 2.98
N LEU C 51 18.18 8.72 4.15
CA LEU C 51 17.93 7.28 4.35
C LEU C 51 16.45 6.87 4.23
N ARG C 52 15.59 7.64 4.91
CA ARG C 52 14.16 7.40 4.86
C ARG C 52 13.61 7.56 3.47
N ASP C 53 14.06 8.61 2.78
CA ASP C 53 13.69 8.82 1.39
C ASP C 53 14.15 7.69 0.45
N CYS C 54 15.31 7.12 0.72
CA CYS C 54 15.86 6.03 -0.07
C CYS C 54 15.02 4.75 0.17
N LEU C 55 14.73 4.47 1.44
CA LEU C 55 13.89 3.32 1.85
C LEU C 55 12.50 3.39 1.23
N GLU C 56 11.93 4.60 1.22
CA GLU C 56 10.59 4.80 0.64
C GLU C 56 10.59 4.68 -0.90
N HIS C 57 11.55 5.32 -1.55
CA HIS C 57 11.68 5.33 -3.01
C HIS C 57 11.79 3.89 -3.55
N PHE C 58 12.61 3.06 -2.91
CA PHE C 58 12.73 1.68 -3.37
C PHE C 58 11.57 0.83 -2.98
N ALA C 59 10.88 1.16 -1.87
CA ALA C 59 9.66 0.46 -1.51
C ALA C 59 8.59 0.67 -2.59
N GLU C 60 8.45 1.90 -3.04
CA GLU C 60 7.50 2.26 -4.08
C GLU C 60 7.92 1.62 -5.39
N LEU C 61 9.22 1.53 -5.63
CA LEU C 61 9.70 0.84 -6.83
C LEU C 61 9.36 -0.67 -6.86
N PHE C 62 9.48 -1.37 -5.74
CA PHE C 62 9.12 -2.78 -5.68
C PHE C 62 7.66 -3.05 -5.25
N ASP C 63 6.82 -2.01 -5.26
CA ASP C 63 5.36 -2.09 -4.90
C ASP C 63 5.04 -2.73 -3.53
N LEU C 64 5.84 -2.39 -2.53
CA LEU C 64 5.59 -2.76 -1.16
C LEU C 64 5.08 -1.50 -0.45
N GLY C 65 4.44 -1.62 0.69
CA GLY C 65 4.05 -0.36 1.36
C GLY C 65 5.23 0.41 1.92
N PHE C 66 5.00 1.68 2.26
CA PHE C 66 5.92 2.38 3.14
C PHE C 66 5.15 3.02 4.30
N PRO C 67 5.59 2.84 5.55
CA PRO C 67 6.66 2.00 6.05
C PRO C 67 6.36 0.51 5.84
N ASN C 68 7.40 -0.32 5.89
CA ASN C 68 7.27 -1.77 5.80
C ASN C 68 8.24 -2.34 6.83
N PRO C 69 8.08 -3.61 7.19
CA PRO C 69 8.85 -4.17 8.31
C PRO C 69 10.35 -4.06 8.11
N LEU C 70 10.86 -4.27 6.90
CA LEU C 70 12.31 -4.22 6.68
C LEU C 70 12.80 -2.79 6.84
N ALA C 71 12.15 -1.84 6.17
CA ALA C 71 12.44 -0.45 6.39
C ALA C 71 12.49 -0.09 7.90
N GLU C 72 11.47 -0.53 8.64
CA GLU C 72 11.37 -0.32 10.09
C GLU C 72 12.50 -0.97 10.90
N ARG C 73 12.96 -2.15 10.53
CA ARG C 73 14.14 -2.70 11.19
C ARG C 73 15.37 -1.77 11.00
N ILE C 74 15.47 -1.12 9.86
CA ILE C 74 16.59 -0.21 9.61
C ILE C 74 16.51 1.02 10.48
N ILE C 75 15.36 1.65 10.50
CA ILE C 75 15.05 2.68 11.52
C ILE C 75 15.39 2.28 12.96
N PHE C 76 14.89 1.13 13.44
CA PHE C 76 15.23 0.67 14.78
C PHE C 76 16.76 0.54 14.95
N GLU C 77 17.47 0.09 13.91
CA GLU C 77 18.89 -0.12 13.99
C GLU C 77 19.66 1.20 14.17
N THR C 78 19.31 2.24 13.41
CA THR C 78 20.02 3.53 13.55
C THR C 78 19.73 4.15 14.92
N HIS C 79 18.53 3.92 15.40
CA HIS C 79 18.19 4.36 16.72
C HIS C 79 19.02 3.65 17.78
N GLN C 80 19.21 2.34 17.62
CA GLN C 80 19.99 1.54 18.53
C GLN C 80 21.46 1.93 18.49
N ILE C 81 22.08 2.07 17.32
CA ILE C 81 23.49 2.23 17.29
C ILE C 81 23.90 3.69 17.36
N HIS C 82 23.07 4.61 16.89
CA HIS C 82 23.48 6.02 16.83
C HIS C 82 22.83 6.94 17.86
N PHE C 83 21.54 6.82 18.07
CA PHE C 83 20.90 7.94 18.76
C PHE C 83 20.48 7.61 20.17
N ALA C 84 20.58 6.34 20.54
CA ALA C 84 19.93 5.83 21.79
C ALA C 84 20.42 6.53 23.08
N ASN C 85 21.71 6.86 23.12
CA ASN C 85 22.32 7.40 24.30
C ASN C 85 22.70 8.91 24.27
N CYS C 86 22.30 9.56 23.18
CA CYS C 86 22.40 11.02 23.04
C CYS C 86 21.48 11.79 24.02
N SER C 87 22.02 12.89 24.54
CA SER C 87 21.24 13.91 25.25
C SER C 87 20.23 14.51 24.29
N LEU C 88 19.07 14.89 24.81
CA LEU C 88 18.01 15.49 23.97
C LEU C 88 18.24 16.97 23.66
N VAL C 89 19.20 17.59 24.37
CA VAL C 89 19.52 19.00 24.19
C VAL C 89 21.01 19.16 24.33
N GLN C 90 21.61 19.84 23.37
CA GLN C 90 23.05 20.02 23.34
C GLN C 90 23.46 21.07 24.32
N PRO C 91 24.71 20.96 24.81
CA PRO C 91 25.27 21.99 25.70
C PRO C 91 25.61 23.29 24.90
N THR D 12 -10.92 -22.26 9.10
CA THR D 12 -9.43 -22.43 9.15
C THR D 12 -8.69 -22.11 7.83
N VAL D 13 -9.40 -21.75 6.76
CA VAL D 13 -8.80 -21.33 5.45
C VAL D 13 -7.78 -22.33 4.82
N LYS D 14 -8.29 -23.32 4.05
CA LYS D 14 -7.45 -24.38 3.42
C LYS D 14 -7.52 -24.56 1.86
N ASN D 15 -8.22 -23.68 1.16
CA ASN D 15 -8.08 -23.55 -0.30
C ASN D 15 -8.33 -22.09 -0.72
N TYR D 16 -8.13 -21.79 -2.00
CA TYR D 16 -8.26 -20.37 -2.43
C TYR D 16 -9.69 -19.85 -2.40
N GLU D 17 -10.67 -20.69 -2.71
CA GLU D 17 -12.03 -20.21 -2.74
C GLU D 17 -12.40 -19.75 -1.35
N THR D 18 -12.05 -20.52 -0.32
CA THR D 18 -12.45 -20.14 1.04
C THR D 18 -11.57 -18.98 1.55
N ALA D 19 -10.32 -18.89 1.11
CA ALA D 19 -9.49 -17.67 1.31
C ALA D 19 -10.16 -16.40 0.76
N VAL D 20 -10.67 -16.46 -0.46
CA VAL D 20 -11.34 -15.33 -1.06
C VAL D 20 -12.56 -14.89 -0.24
N GLN D 21 -13.37 -15.84 0.19
CA GLN D 21 -14.44 -15.57 1.13
C GLN D 21 -13.99 -14.87 2.42
N PHE D 22 -12.91 -15.38 3.02
CA PHE D 22 -12.25 -14.75 4.17
C PHE D 22 -11.90 -13.27 3.93
N CYS D 23 -11.25 -13.00 2.80
CA CYS D 23 -10.91 -11.64 2.42
C CYS D 23 -12.14 -10.76 2.21
N TRP D 24 -13.10 -11.25 1.42
CA TRP D 24 -14.35 -10.53 1.13
C TRP D 24 -15.10 -10.24 2.42
N ASN D 25 -15.16 -11.21 3.31
CA ASN D 25 -15.90 -11.03 4.53
C ASN D 25 -15.28 -9.92 5.39
N HIS D 26 -13.94 -9.86 5.46
CA HIS D 26 -13.24 -8.85 6.22
C HIS D 26 -13.49 -7.49 5.54
N TYR D 27 -13.38 -7.44 4.23
CA TYR D 27 -13.75 -6.26 3.45
C TYR D 27 -15.16 -5.72 3.66
N LYS D 28 -16.18 -6.60 3.60
CA LYS D 28 -17.57 -6.17 3.84
C LYS D 28 -17.76 -5.72 5.29
N ASP D 29 -17.09 -6.35 6.25
CA ASP D 29 -17.17 -5.90 7.61
C ASP D 29 -16.69 -4.41 7.68
N GLN D 30 -15.76 -4.02 6.82
CA GLN D 30 -15.29 -2.63 6.78
C GLN D 30 -16.26 -1.71 6.02
N MET D 31 -16.80 -2.19 4.89
CA MET D 31 -17.58 -1.38 3.96
C MET D 31 -19.04 -1.18 4.37
N ASP D 32 -19.64 -2.17 5.04
CA ASP D 32 -21.07 -2.14 5.32
C ASP D 32 -21.45 -0.89 6.12
N PRO D 33 -20.77 -0.58 7.26
CA PRO D 33 -21.17 0.55 8.09
C PRO D 33 -20.68 1.94 7.61
N ILE D 34 -20.11 2.06 6.43
CA ILE D 34 -19.59 3.37 5.98
C ILE D 34 -20.10 3.76 4.61
N GLU D 35 -21.33 3.34 4.33
CA GLU D 35 -21.98 3.65 3.05
C GLU D 35 -21.91 5.14 2.69
N LYS D 36 -22.05 6.02 3.67
CA LYS D 36 -22.00 7.48 3.39
C LYS D 36 -20.63 7.99 2.88
N ASP D 37 -19.59 7.18 3.04
CA ASP D 37 -18.26 7.49 2.54
C ASP D 37 -17.70 6.62 1.42
N TRP D 38 -18.49 5.78 0.79
CA TRP D 38 -17.96 4.91 -0.27
C TRP D 38 -17.30 5.64 -1.44
N CYS D 39 -17.74 6.87 -1.70
CA CYS D 39 -17.16 7.68 -2.76
C CYS D 39 -16.09 8.66 -2.27
N ASP D 40 -15.66 8.54 -1.00
CA ASP D 40 -14.53 9.29 -0.52
C ASP D 40 -13.27 8.56 -0.93
N TRP D 41 -12.79 8.90 -2.12
CA TRP D 41 -11.81 8.08 -2.85
C TRP D 41 -10.53 7.75 -2.07
N ALA D 42 -9.93 8.77 -1.43
CA ALA D 42 -8.71 8.63 -0.59
C ALA D 42 -8.96 7.69 0.59
N MET D 43 -10.01 7.96 1.35
CA MET D 43 -10.39 7.14 2.49
C MET D 43 -10.68 5.68 2.14
N ILE D 44 -11.52 5.48 1.14
CA ILE D 44 -12.00 4.15 0.78
C ILE D 44 -10.88 3.34 0.10
N SER D 45 -9.81 4.00 -0.31
CA SER D 45 -8.72 3.29 -0.89
C SER D 45 -8.07 2.32 0.15
N ARG D 46 -8.19 2.64 1.45
CA ARG D 46 -7.62 1.75 2.45
C ARG D 46 -8.25 0.33 2.51
N PRO D 47 -9.57 0.25 2.78
CA PRO D 47 -10.16 -1.08 2.79
C PRO D 47 -10.04 -1.81 1.44
N TYR D 48 -10.06 -1.06 0.34
CA TYR D 48 -9.92 -1.67 -0.95
C TYR D 48 -8.52 -2.26 -1.12
N SER D 49 -7.51 -1.50 -0.75
CA SER D 49 -6.17 -2.06 -0.67
C SER D 49 -6.07 -3.30 0.17
N THR D 50 -6.78 -3.35 1.30
CA THR D 50 -6.68 -4.53 2.15
C THR D 50 -7.33 -5.72 1.47
N LEU D 51 -8.38 -5.48 0.69
CA LEU D 51 -9.01 -6.54 -0.08
C LEU D 51 -8.04 -7.09 -1.16
N ARG D 52 -7.50 -6.19 -1.98
CA ARG D 52 -6.60 -6.61 -3.04
C ARG D 52 -5.44 -7.36 -2.48
N ASP D 53 -4.74 -6.75 -1.52
CA ASP D 53 -3.57 -7.38 -0.91
C ASP D 53 -3.86 -8.77 -0.29
N CYS D 54 -5.04 -8.94 0.30
CA CYS D 54 -5.47 -10.21 0.90
C CYS D 54 -5.59 -11.24 -0.25
N LEU D 55 -6.24 -10.82 -1.34
CA LEU D 55 -6.44 -11.64 -2.53
C LEU D 55 -5.12 -12.14 -3.13
N GLU D 56 -4.16 -11.24 -3.24
CA GLU D 56 -2.83 -11.58 -3.71
C GLU D 56 -2.04 -12.43 -2.72
N HIS D 57 -2.12 -12.09 -1.43
CA HIS D 57 -1.41 -12.84 -0.42
C HIS D 57 -1.79 -14.32 -0.46
N PHE D 58 -3.09 -14.58 -0.51
CA PHE D 58 -3.56 -15.94 -0.53
C PHE D 58 -3.35 -16.61 -1.91
N ALA D 59 -3.24 -15.83 -2.98
CA ALA D 59 -2.89 -16.37 -4.30
C ALA D 59 -1.46 -16.96 -4.20
N GLU D 60 -0.54 -16.18 -3.66
CA GLU D 60 0.81 -16.66 -3.47
C GLU D 60 0.88 -17.89 -2.54
N LEU D 61 0.16 -17.85 -1.42
CA LEU D 61 0.10 -18.97 -0.48
C LEU D 61 -0.35 -20.29 -1.15
N PHE D 62 -1.33 -20.23 -2.05
CA PHE D 62 -1.84 -21.41 -2.75
C PHE D 62 -1.23 -21.61 -4.15
N ASP D 63 -0.19 -20.83 -4.44
CA ASP D 63 0.58 -20.93 -5.68
C ASP D 63 -0.25 -20.74 -6.94
N LEU D 64 -1.22 -19.84 -6.89
CA LEU D 64 -2.01 -19.49 -8.06
C LEU D 64 -1.43 -18.14 -8.42
N GLY D 65 -1.43 -17.74 -9.68
CA GLY D 65 -0.89 -16.44 -10.02
C GLY D 65 -1.84 -15.33 -9.57
N PHE D 66 -1.37 -14.10 -9.71
CA PHE D 66 -2.17 -12.92 -9.45
C PHE D 66 -1.86 -11.85 -10.50
N PRO D 67 -2.90 -11.19 -11.04
CA PRO D 67 -4.32 -11.48 -10.82
C PRO D 67 -4.71 -12.85 -11.36
N ASN D 68 -5.86 -13.33 -10.94
CA ASN D 68 -6.40 -14.59 -11.39
C ASN D 68 -7.91 -14.39 -11.56
N PRO D 69 -8.61 -15.31 -12.25
CA PRO D 69 -10.01 -14.98 -12.54
C PRO D 69 -10.95 -14.76 -11.32
N LEU D 70 -10.86 -15.56 -10.28
CA LEU D 70 -11.72 -15.36 -9.10
C LEU D 70 -11.43 -14.02 -8.45
N ALA D 71 -10.14 -13.69 -8.28
CA ALA D 71 -9.78 -12.39 -7.70
C ALA D 71 -10.38 -11.25 -8.50
N GLU D 72 -10.23 -11.32 -9.83
CA GLU D 72 -10.78 -10.29 -10.70
C GLU D 72 -12.33 -10.22 -10.65
N ARG D 73 -13.04 -11.35 -10.57
CA ARG D 73 -14.48 -11.27 -10.34
C ARG D 73 -14.75 -10.52 -9.08
N ILE D 74 -14.01 -10.79 -7.98
CA ILE D 74 -14.20 -10.09 -6.71
C ILE D 74 -13.96 -8.56 -6.82
N ILE D 75 -12.92 -8.17 -7.53
CA ILE D 75 -12.67 -6.76 -7.78
C ILE D 75 -13.82 -6.14 -8.64
N PHE D 76 -14.26 -6.79 -9.73
CA PHE D 76 -15.45 -6.32 -10.50
C PHE D 76 -16.71 -6.16 -9.60
N GLU D 77 -16.92 -7.09 -8.70
CA GLU D 77 -18.09 -7.11 -7.82
C GLU D 77 -18.12 -5.88 -6.88
N THR D 78 -17.01 -5.56 -6.21
CA THR D 78 -16.95 -4.34 -5.41
C THR D 78 -17.15 -3.05 -6.23
N HIS D 79 -16.61 -3.03 -7.43
CA HIS D 79 -16.80 -1.88 -8.30
C HIS D 79 -18.26 -1.67 -8.69
N GLN D 80 -18.98 -2.76 -8.94
CA GLN D 80 -20.39 -2.67 -9.24
C GLN D 80 -21.21 -2.32 -8.01
N ILE D 81 -20.89 -2.89 -6.84
CA ILE D 81 -21.73 -2.61 -5.68
C ILE D 81 -21.33 -1.34 -4.87
N HIS D 82 -20.09 -0.89 -4.93
CA HIS D 82 -19.66 0.23 -4.11
C HIS D 82 -19.31 1.53 -4.87
N PHE D 83 -18.79 1.41 -6.09
CA PHE D 83 -18.04 2.52 -6.71
C PHE D 83 -18.59 2.99 -8.06
N ALA D 84 -19.37 2.14 -8.72
CA ALA D 84 -19.79 2.37 -10.11
C ALA D 84 -20.62 3.67 -10.30
N ASN D 85 -21.35 4.08 -9.27
CA ASN D 85 -22.18 5.27 -9.37
C ASN D 85 -21.69 6.44 -8.50
N CYS D 86 -20.40 6.41 -8.12
CA CYS D 86 -19.79 7.53 -7.44
C CYS D 86 -19.41 8.61 -8.42
N SER D 87 -19.49 9.85 -7.98
CA SER D 87 -18.98 10.97 -8.74
C SER D 87 -17.42 10.97 -8.68
N LEU D 88 -16.78 11.25 -9.79
CA LEU D 88 -15.30 11.32 -9.84
C LEU D 88 -14.67 12.58 -9.14
N VAL D 89 -15.41 13.68 -8.99
CA VAL D 89 -14.96 14.74 -8.03
C VAL D 89 -15.98 15.15 -6.95
N GLN D 90 -15.57 14.99 -5.69
CA GLN D 90 -16.28 15.46 -4.48
C GLN D 90 -16.23 16.99 -4.35
N VAL E 13 3.60 -13.74 -36.27
CA VAL E 13 3.96 -12.68 -35.26
C VAL E 13 4.97 -11.71 -35.92
N LYS E 14 4.40 -10.68 -36.56
CA LYS E 14 5.13 -9.56 -37.17
C LYS E 14 5.08 -8.32 -36.27
N ASN E 15 4.19 -8.31 -35.28
CA ASN E 15 3.89 -7.15 -34.43
C ASN E 15 3.07 -7.54 -33.20
N TYR E 16 2.75 -6.56 -32.35
CA TYR E 16 2.06 -6.88 -31.10
C TYR E 16 0.65 -7.46 -31.26
N GLU E 17 -0.11 -6.86 -32.16
CA GLU E 17 -1.46 -7.33 -32.45
C GLU E 17 -1.46 -8.81 -32.84
N THR E 18 -0.53 -9.20 -33.71
CA THR E 18 -0.48 -10.60 -34.14
C THR E 18 0.11 -11.49 -33.05
N ALA E 19 0.96 -10.96 -32.17
CA ALA E 19 1.41 -11.73 -31.00
C ALA E 19 0.27 -11.95 -30.04
N VAL E 20 -0.56 -10.94 -29.82
CA VAL E 20 -1.73 -11.06 -28.94
C VAL E 20 -2.69 -12.17 -29.47
N GLN E 21 -2.92 -12.22 -30.77
CA GLN E 21 -3.69 -13.27 -31.37
C GLN E 21 -3.08 -14.65 -31.17
N PHE E 22 -1.75 -14.73 -31.32
CA PHE E 22 -0.99 -15.95 -31.03
C PHE E 22 -1.19 -16.41 -29.58
N CYS E 23 -1.09 -15.48 -28.63
CA CYS E 23 -1.32 -15.78 -27.19
C CYS E 23 -2.75 -16.26 -26.95
N TRP E 24 -3.67 -15.53 -27.55
CA TRP E 24 -5.05 -15.78 -27.33
C TRP E 24 -5.44 -17.16 -27.85
N ASN E 25 -4.80 -17.65 -28.91
CA ASN E 25 -5.19 -18.91 -29.48
C ASN E 25 -4.61 -20.10 -28.70
N HIS E 26 -3.35 -20.01 -28.26
CA HIS E 26 -2.81 -21.00 -27.35
C HIS E 26 -3.71 -21.11 -26.09
N TYR E 27 -4.27 -20.00 -25.60
CA TYR E 27 -5.19 -19.99 -24.43
C TYR E 27 -6.50 -20.70 -24.71
N LYS E 28 -7.19 -20.29 -25.77
CA LYS E 28 -8.45 -20.96 -26.15
C LYS E 28 -8.29 -22.48 -26.39
N ASP E 29 -7.20 -22.89 -27.03
CA ASP E 29 -6.94 -24.29 -27.27
C ASP E 29 -6.83 -25.09 -26.00
N GLN E 30 -6.32 -24.43 -24.96
CA GLN E 30 -6.31 -25.00 -23.63
C GLN E 30 -7.73 -25.01 -23.03
N MET E 31 -8.49 -23.94 -23.24
CA MET E 31 -9.79 -23.72 -22.59
C MET E 31 -11.01 -24.44 -23.18
N ASP E 32 -11.08 -24.59 -24.50
CA ASP E 32 -12.27 -25.14 -25.16
C ASP E 32 -12.68 -26.54 -24.73
N PRO E 33 -11.69 -27.43 -24.49
CA PRO E 33 -12.06 -28.79 -24.07
C PRO E 33 -12.47 -28.89 -22.62
N ILE E 34 -12.20 -27.85 -21.82
CA ILE E 34 -12.44 -27.94 -20.38
C ILE E 34 -13.55 -26.97 -19.95
N GLU E 35 -14.56 -26.84 -20.79
CA GLU E 35 -15.69 -25.94 -20.48
C GLU E 35 -16.40 -26.26 -19.16
N LYS E 36 -16.50 -27.55 -18.85
CA LYS E 36 -17.04 -28.01 -17.57
C LYS E 36 -16.32 -27.38 -16.38
N ASP E 37 -15.02 -27.14 -16.54
CA ASP E 37 -14.13 -26.72 -15.46
C ASP E 37 -13.79 -25.22 -15.47
N TRP E 38 -14.50 -24.45 -16.29
CA TRP E 38 -14.19 -23.02 -16.39
C TRP E 38 -14.48 -22.28 -15.06
N CYS E 39 -15.33 -22.86 -14.23
CA CYS E 39 -15.65 -22.31 -12.89
C CYS E 39 -14.93 -23.01 -11.72
N ASP E 40 -13.97 -23.88 -12.03
CA ASP E 40 -13.05 -24.43 -11.02
C ASP E 40 -11.86 -23.48 -10.90
N TRP E 41 -12.05 -22.43 -10.10
CA TRP E 41 -11.17 -21.25 -10.02
C TRP E 41 -9.68 -21.55 -9.81
N ALA E 42 -9.38 -22.52 -8.96
CA ALA E 42 -8.01 -22.98 -8.72
C ALA E 42 -7.38 -23.49 -10.01
N MET E 43 -8.02 -24.50 -10.59
CA MET E 43 -7.58 -25.10 -11.82
C MET E 43 -7.41 -24.10 -12.95
N ILE E 44 -8.51 -23.40 -13.26
CA ILE E 44 -8.55 -22.50 -14.42
C ILE E 44 -7.53 -21.37 -14.30
N SER E 45 -7.07 -21.07 -13.09
CA SER E 45 -6.08 -20.01 -12.92
C SER E 45 -4.78 -20.31 -13.71
N ARG E 46 -4.46 -21.60 -13.91
CA ARG E 46 -3.21 -21.95 -14.61
C ARG E 46 -3.15 -21.47 -16.04
N PRO E 47 -4.15 -21.84 -16.87
CA PRO E 47 -4.07 -21.41 -18.25
C PRO E 47 -4.22 -19.91 -18.35
N TYR E 48 -4.91 -19.30 -17.40
CA TYR E 48 -5.11 -17.88 -17.42
C TYR E 48 -3.79 -17.18 -17.16
N SER E 49 -3.03 -17.67 -16.19
CA SER E 49 -1.70 -17.12 -15.92
C SER E 49 -0.76 -17.19 -17.12
N THR E 50 -0.77 -18.32 -17.82
CA THR E 50 -0.06 -18.42 -19.10
C THR E 50 -0.47 -17.34 -20.11
N LEU E 51 -1.75 -17.06 -20.20
CA LEU E 51 -2.18 -16.02 -21.12
C LEU E 51 -1.57 -14.69 -20.69
N ARG E 52 -1.58 -14.38 -19.39
CA ARG E 52 -1.05 -13.08 -18.95
C ARG E 52 0.44 -13.02 -19.20
N ASP E 53 1.14 -14.11 -18.92
CA ASP E 53 2.59 -14.15 -19.13
C ASP E 53 2.91 -13.93 -20.61
N CYS E 54 2.07 -14.48 -21.48
CA CYS E 54 2.25 -14.34 -22.91
C CYS E 54 2.00 -12.90 -23.36
N LEU E 55 0.89 -12.31 -22.94
CA LEU E 55 0.57 -10.91 -23.22
C LEU E 55 1.68 -9.97 -22.74
N GLU E 56 2.24 -10.25 -21.56
CA GLU E 56 3.29 -9.40 -21.03
C GLU E 56 4.67 -9.66 -21.69
N HIS E 57 5.01 -10.93 -21.93
CA HIS E 57 6.25 -11.22 -22.62
C HIS E 57 6.33 -10.48 -23.96
N PHE E 58 5.28 -10.57 -24.75
CA PHE E 58 5.21 -9.91 -26.06
C PHE E 58 5.08 -8.38 -25.96
N ALA E 59 4.38 -7.85 -24.96
CA ALA E 59 4.48 -6.39 -24.69
C ALA E 59 5.96 -5.92 -24.57
N GLU E 60 6.75 -6.57 -23.71
CA GLU E 60 8.14 -6.12 -23.52
C GLU E 60 8.97 -6.33 -24.79
N LEU E 61 8.66 -7.40 -25.53
CA LEU E 61 9.36 -7.76 -26.76
C LEU E 61 9.13 -6.75 -27.91
N PHE E 62 8.01 -6.04 -27.88
CA PHE E 62 7.70 -4.99 -28.83
C PHE E 62 7.74 -3.63 -28.14
N ASP E 63 8.35 -3.62 -26.94
CA ASP E 63 8.71 -2.37 -26.21
C ASP E 63 7.48 -1.46 -25.98
N LEU E 64 6.40 -2.08 -25.50
CA LEU E 64 5.14 -1.43 -25.14
C LEU E 64 4.91 -1.68 -23.64
N GLY E 65 4.14 -0.83 -22.97
CA GLY E 65 3.86 -1.01 -21.55
C GLY E 65 2.95 -2.20 -21.27
N PHE E 66 2.82 -2.54 -19.98
CA PHE E 66 1.91 -3.58 -19.52
C PHE E 66 1.44 -3.25 -18.09
N PRO E 67 0.12 -3.22 -17.87
CA PRO E 67 -0.90 -3.52 -18.86
C PRO E 67 -0.99 -2.46 -19.96
N ASN E 68 -1.67 -2.83 -21.03
CA ASN E 68 -1.88 -1.94 -22.18
C ASN E 68 -3.30 -2.22 -22.72
N PRO E 69 -3.85 -1.28 -23.52
CA PRO E 69 -5.25 -1.37 -23.88
C PRO E 69 -5.67 -2.68 -24.59
N LEU E 70 -4.84 -3.18 -25.52
CA LEU E 70 -5.13 -4.45 -26.21
C LEU E 70 -5.11 -5.64 -25.29
N ALA E 71 -4.10 -5.74 -24.45
CA ALA E 71 -4.02 -6.81 -23.47
C ALA E 71 -5.24 -6.78 -22.53
N GLU E 72 -5.63 -5.57 -22.13
CA GLU E 72 -6.83 -5.43 -21.31
C GLU E 72 -8.11 -5.86 -22.01
N ARG E 73 -8.23 -5.61 -23.32
CA ARG E 73 -9.40 -6.13 -24.07
C ARG E 73 -9.42 -7.66 -24.06
N ILE E 74 -8.26 -8.30 -24.11
CA ILE E 74 -8.21 -9.76 -24.07
C ILE E 74 -8.65 -10.29 -22.70
N ILE E 75 -8.26 -9.59 -21.64
CA ILE E 75 -8.70 -9.92 -20.31
C ILE E 75 -10.23 -9.77 -20.15
N PHE E 76 -10.80 -8.65 -20.59
CA PHE E 76 -12.25 -8.51 -20.56
C PHE E 76 -12.94 -9.61 -21.34
N GLU E 77 -12.34 -9.98 -22.48
CA GLU E 77 -12.88 -11.00 -23.38
C GLU E 77 -13.08 -12.32 -22.63
N THR E 78 -12.05 -12.76 -21.91
CA THR E 78 -12.10 -14.07 -21.29
C THR E 78 -13.04 -14.06 -20.11
N HIS E 79 -13.13 -12.92 -19.43
CA HIS E 79 -14.14 -12.78 -18.39
C HIS E 79 -15.55 -12.88 -18.97
N GLN E 80 -15.74 -12.34 -20.16
CA GLN E 80 -17.05 -12.36 -20.82
C GLN E 80 -17.39 -13.73 -21.36
N ILE E 81 -16.46 -14.42 -21.99
CA ILE E 81 -16.78 -15.74 -22.54
C ILE E 81 -16.55 -16.97 -21.60
N HIS E 82 -15.72 -16.87 -20.55
CA HIS E 82 -15.37 -18.04 -19.70
C HIS E 82 -15.86 -17.98 -18.28
N PHE E 83 -15.78 -16.81 -17.68
CA PHE E 83 -16.02 -16.68 -16.24
C PHE E 83 -17.29 -15.93 -15.81
N ALA E 84 -18.03 -15.34 -16.74
CA ALA E 84 -19.14 -14.44 -16.38
C ALA E 84 -20.28 -15.15 -15.66
N ASN E 85 -20.61 -16.36 -16.13
CA ASN E 85 -21.74 -17.10 -15.60
C ASN E 85 -21.44 -17.99 -14.43
N CYS E 86 -20.20 -17.92 -13.95
CA CYS E 86 -19.76 -18.75 -12.83
C CYS E 86 -20.30 -18.29 -11.48
N SER E 87 -20.81 -19.20 -10.64
CA SER E 87 -21.08 -18.93 -9.22
C SER E 87 -19.76 -18.64 -8.49
N LEU E 88 -19.79 -17.67 -7.59
CA LEU E 88 -18.56 -17.31 -6.84
C LEU E 88 -18.40 -18.21 -5.61
N VAL F 13 -3.67 20.76 -8.23
CA VAL F 13 -3.56 19.47 -7.48
C VAL F 13 -3.27 19.68 -5.98
N LYS F 14 -4.33 19.88 -5.19
CA LYS F 14 -4.23 19.91 -3.73
C LYS F 14 -4.50 18.52 -3.05
N ASN F 15 -4.91 17.50 -3.80
CA ASN F 15 -5.32 16.18 -3.23
C ASN F 15 -5.44 15.10 -4.34
N TYR F 16 -5.71 13.84 -4.02
CA TYR F 16 -5.62 12.79 -5.05
C TYR F 16 -6.67 13.01 -6.15
N GLU F 17 -7.89 13.35 -5.76
CA GLU F 17 -8.96 13.51 -6.73
C GLU F 17 -8.65 14.55 -7.78
N THR F 18 -8.07 15.69 -7.38
CA THR F 18 -7.68 16.72 -8.34
C THR F 18 -6.44 16.27 -9.11
N ALA F 19 -5.58 15.45 -8.51
CA ALA F 19 -4.46 14.88 -9.26
C ALA F 19 -4.94 13.99 -10.39
N VAL F 20 -5.92 13.16 -10.08
CA VAL F 20 -6.55 12.26 -11.07
C VAL F 20 -7.23 13.06 -12.22
N GLN F 21 -7.82 14.22 -11.95
CA GLN F 21 -8.37 15.08 -13.03
C GLN F 21 -7.31 15.70 -13.95
N PHE F 22 -6.18 16.11 -13.36
CA PHE F 22 -5.02 16.58 -14.14
C PHE F 22 -4.49 15.47 -15.08
N CYS F 23 -4.30 14.25 -14.56
CA CYS F 23 -3.89 13.11 -15.36
C CYS F 23 -4.86 12.87 -16.54
N TRP F 24 -6.14 12.76 -16.19
CA TRP F 24 -7.18 12.49 -17.13
C TRP F 24 -7.28 13.60 -18.17
N ASN F 25 -7.25 14.88 -17.78
CA ASN F 25 -7.29 15.97 -18.77
C ASN F 25 -6.07 16.01 -19.72
N HIS F 26 -4.93 15.56 -19.20
CA HIS F 26 -3.73 15.57 -20.01
C HIS F 26 -3.86 14.38 -21.00
N TYR F 27 -4.45 13.31 -20.54
CA TYR F 27 -4.67 12.18 -21.40
C TYR F 27 -5.60 12.52 -22.55
N LYS F 28 -6.75 13.12 -22.25
CA LYS F 28 -7.69 13.53 -23.32
C LYS F 28 -7.09 14.52 -24.28
N ASP F 29 -6.23 15.39 -23.77
CA ASP F 29 -5.52 16.33 -24.64
C ASP F 29 -4.65 15.65 -25.74
N GLN F 30 -4.01 14.55 -25.40
CA GLN F 30 -3.23 13.72 -26.32
C GLN F 30 -4.11 12.78 -27.18
N MET F 31 -5.18 12.26 -26.61
CA MET F 31 -6.06 11.35 -27.33
C MET F 31 -6.94 12.06 -28.40
N ASP F 32 -7.46 13.25 -28.11
CA ASP F 32 -8.46 13.85 -28.99
C ASP F 32 -7.92 14.13 -30.39
N PRO F 33 -6.68 14.63 -30.50
CA PRO F 33 -6.07 14.81 -31.84
C PRO F 33 -5.75 13.52 -32.61
N ILE F 34 -5.85 12.35 -31.99
CA ILE F 34 -5.56 11.09 -32.70
C ILE F 34 -6.75 10.10 -32.66
N GLU F 35 -7.95 10.63 -32.80
CA GLU F 35 -9.14 9.81 -32.83
C GLU F 35 -9.16 8.75 -33.92
N LYS F 36 -8.61 9.03 -35.10
CA LYS F 36 -8.53 8.02 -36.16
C LYS F 36 -7.61 6.85 -35.79
N ASP F 37 -6.84 7.01 -34.74
CA ASP F 37 -5.87 5.99 -34.37
C ASP F 37 -6.18 5.41 -33.03
N TRP F 38 -7.36 5.66 -32.48
CA TRP F 38 -7.60 5.07 -31.13
C TRP F 38 -7.49 3.53 -31.16
N CYS F 39 -7.61 2.93 -32.34
CA CYS F 39 -7.48 1.48 -32.42
C CYS F 39 -6.13 1.03 -32.94
N ASP F 40 -5.18 1.96 -33.07
CA ASP F 40 -3.83 1.56 -33.41
C ASP F 40 -3.16 1.20 -32.09
N TRP F 41 -3.24 -0.09 -31.72
CA TRP F 41 -2.91 -0.56 -30.36
C TRP F 41 -1.48 -0.22 -29.88
N ALA F 42 -0.51 -0.43 -30.75
CA ALA F 42 0.88 -0.16 -30.40
C ALA F 42 1.03 1.33 -30.20
N MET F 43 0.38 2.13 -31.03
CA MET F 43 0.55 3.58 -30.98
C MET F 43 -0.08 4.18 -29.75
N ILE F 44 -1.32 3.77 -29.50
CA ILE F 44 -2.15 4.27 -28.43
C ILE F 44 -1.69 3.77 -27.03
N SER F 45 -0.82 2.77 -26.98
CA SER F 45 -0.17 2.31 -25.74
C SER F 45 0.63 3.43 -25.02
N ARG F 46 1.25 4.34 -25.78
CA ARG F 46 2.07 5.42 -25.21
C ARG F 46 1.24 6.37 -24.32
N PRO F 47 0.21 7.05 -24.86
CA PRO F 47 -0.54 7.93 -23.98
C PRO F 47 -1.21 7.21 -22.81
N TYR F 48 -1.64 5.97 -23.03
CA TYR F 48 -2.24 5.17 -21.98
C TYR F 48 -1.18 4.84 -20.87
N SER F 49 0.02 4.45 -21.25
CA SER F 49 1.08 4.15 -20.30
C SER F 49 1.42 5.38 -19.43
N THR F 50 1.48 6.55 -20.08
CA THR F 50 1.63 7.83 -19.37
C THR F 50 0.48 8.06 -18.38
N LEU F 51 -0.75 7.81 -18.79
CA LEU F 51 -1.92 7.94 -17.89
C LEU F 51 -1.72 7.06 -16.65
N ARG F 52 -1.43 5.77 -16.84
CA ARG F 52 -1.18 4.85 -15.71
C ARG F 52 -0.02 5.26 -14.80
N ASP F 53 1.10 5.63 -15.41
CA ASP F 53 2.19 6.18 -14.64
C ASP F 53 1.77 7.44 -13.85
N CYS F 54 0.97 8.33 -14.45
CA CYS F 54 0.48 9.54 -13.79
C CYS F 54 -0.41 9.13 -12.59
N LEU F 55 -1.37 8.24 -12.84
CA LEU F 55 -2.26 7.77 -11.74
C LEU F 55 -1.49 7.13 -10.59
N GLU F 56 -0.41 6.40 -10.91
CA GLU F 56 0.41 5.71 -9.90
C GLU F 56 1.33 6.69 -9.16
N HIS F 57 1.96 7.60 -9.90
CA HIS F 57 2.77 8.65 -9.30
C HIS F 57 2.01 9.42 -8.19
N PHE F 58 0.84 9.96 -8.50
CA PHE F 58 0.10 10.74 -7.51
C PHE F 58 -0.43 9.88 -6.42
N ALA F 59 -0.75 8.63 -6.74
CA ALA F 59 -1.12 7.65 -5.75
C ALA F 59 0.00 7.52 -4.68
N GLU F 60 1.22 7.39 -5.15
CA GLU F 60 2.38 7.20 -4.27
C GLU F 60 2.72 8.50 -3.57
N LEU F 61 2.41 9.61 -4.22
CA LEU F 61 2.60 10.91 -3.63
C LEU F 61 1.69 11.11 -2.41
N PHE F 62 0.42 10.74 -2.54
CA PHE F 62 -0.54 10.87 -1.45
C PHE F 62 -0.60 9.63 -0.55
N ASP F 63 0.41 8.77 -0.63
CA ASP F 63 0.49 7.51 0.17
C ASP F 63 -0.79 6.69 0.14
N LEU F 64 -1.42 6.62 -1.02
CA LEU F 64 -2.55 5.72 -1.24
C LEU F 64 -2.04 4.52 -2.01
N GLY F 65 -2.72 3.39 -1.87
CA GLY F 65 -2.38 2.22 -2.65
C GLY F 65 -2.59 2.44 -4.15
N PHE F 66 -1.83 1.68 -4.95
CA PHE F 66 -2.06 1.56 -6.36
C PHE F 66 -2.03 0.09 -6.80
N PRO F 67 -3.02 -0.35 -7.57
CA PRO F 67 -4.19 0.42 -8.01
C PRO F 67 -5.20 0.73 -6.89
N ASN F 68 -6.13 1.63 -7.18
CA ASN F 68 -7.17 2.01 -6.22
C ASN F 68 -8.47 2.36 -6.96
N PRO F 69 -9.56 2.46 -6.23
CA PRO F 69 -10.85 2.42 -6.92
C PRO F 69 -11.01 3.56 -7.89
N LEU F 70 -10.53 4.75 -7.52
CA LEU F 70 -10.66 5.92 -8.37
C LEU F 70 -9.85 5.77 -9.62
N ALA F 71 -8.60 5.35 -9.44
CA ALA F 71 -7.75 5.06 -10.59
C ALA F 71 -8.41 4.01 -11.52
N GLU F 72 -9.01 2.97 -10.95
CA GLU F 72 -9.65 1.93 -11.73
C GLU F 72 -10.89 2.50 -12.44
N ARG F 73 -11.65 3.40 -11.83
CA ARG F 73 -12.76 4.05 -12.57
C ARG F 73 -12.27 4.79 -13.81
N ILE F 74 -11.10 5.41 -13.73
CA ILE F 74 -10.52 6.13 -14.90
C ILE F 74 -10.15 5.16 -16.01
N ILE F 75 -9.52 4.03 -15.63
CA ILE F 75 -9.22 2.94 -16.58
C ILE F 75 -10.48 2.45 -17.32
N PHE F 76 -11.54 2.17 -16.57
CA PHE F 76 -12.81 1.77 -17.15
C PHE F 76 -13.36 2.84 -18.07
N GLU F 77 -13.26 4.09 -17.68
CA GLU F 77 -13.79 5.12 -18.47
C GLU F 77 -13.08 5.20 -19.86
N THR F 78 -11.76 5.07 -19.90
CA THR F 78 -11.07 5.10 -21.20
C THR F 78 -11.40 3.85 -22.01
N HIS F 79 -11.51 2.70 -21.36
CA HIS F 79 -12.01 1.53 -22.09
C HIS F 79 -13.42 1.70 -22.72
N GLN F 80 -14.32 2.40 -22.00
CA GLN F 80 -15.67 2.65 -22.46
C GLN F 80 -15.67 3.67 -23.59
N ILE F 81 -14.89 4.74 -23.50
CA ILE F 81 -15.03 5.81 -24.48
C ILE F 81 -14.07 5.71 -25.65
N HIS F 82 -12.92 5.09 -25.44
CA HIS F 82 -11.92 4.96 -26.47
C HIS F 82 -11.81 3.62 -27.17
N PHE F 83 -11.81 2.53 -26.42
CA PHE F 83 -11.39 1.22 -26.97
C PHE F 83 -12.46 0.13 -27.09
N ALA F 84 -13.66 0.35 -26.58
CA ALA F 84 -14.65 -0.72 -26.51
C ALA F 84 -15.02 -1.37 -27.85
N ASN F 85 -15.01 -0.58 -28.92
CA ASN F 85 -15.50 -0.99 -30.20
C ASN F 85 -14.45 -1.11 -31.30
N CYS F 86 -13.18 -0.96 -30.91
CA CYS F 86 -12.05 -1.24 -31.81
C CYS F 86 -11.92 -2.72 -32.16
N SER F 87 -11.54 -2.99 -33.40
CA SER F 87 -11.15 -4.32 -33.86
C SER F 87 -9.89 -4.70 -33.11
N LEU F 88 -9.77 -5.97 -32.76
CA LEU F 88 -8.56 -6.49 -32.07
C LEU F 88 -7.31 -6.58 -32.99
N VAL F 89 -7.51 -6.62 -34.30
CA VAL F 89 -6.40 -6.58 -35.26
C VAL F 89 -6.74 -5.56 -36.38
N GLN F 90 -5.77 -4.74 -36.74
CA GLN F 90 -5.94 -3.72 -37.80
C GLN F 90 -5.85 -4.32 -39.18
N PRO F 91 -6.68 -3.77 -40.11
CA PRO F 91 -6.92 -4.36 -41.45
C PRO F 91 -5.68 -4.96 -42.15
CA CA G . 4.91 7.98 -0.87
CA CA H . 5.30 1.73 -7.73
CA CA I . -1.72 5.54 3.31
#